data_8ZM1
#
_entry.id   8ZM1
#
_cell.length_a   109.304
_cell.length_b   109.304
_cell.length_c   84.495
_cell.angle_alpha   90.000
_cell.angle_beta   90.000
_cell.angle_gamma   120.000
#
_symmetry.space_group_name_H-M   'P 64'
#
loop_
_entity.id
_entity.type
_entity.pdbx_description
1 polymer '[Pyruvate dehydrogenase (acetyl-transferring)] kinase isozyme 2, mitochondrial'
2 non-polymer (5~{R})-5-propan-2-ylindeno[1,2-b]pyridin-5-ol
3 water water
#
_entity_poly.entity_id   1
_entity_poly.type   'polypeptide(L)'
_entity_poly.pdbx_seq_one_letter_code
;GSAPKYIEHFSKFSPSPLSMKQFLDFGSSNACEKTSFTFLRQELPVRLANIMKEINLLPDRVLSTPSVQLVQSWYVQSLL
DIMEFLDKDPEDHRTLSQFTDALVTIRNRHNDVVPTMAQGVLEYKDTYGDDPVSNQNIQYFLDRFYLSRISIRMLINQHT
LIFDGSTNPAHPKHIGSIDPNCNVSEVVKDAYDMAKLLCDKYYMASPDLEIQEINAANSKQPIHMVYVPSHLYHMLFELF
KNAMRATVESHESSLILPPIKVMVALGEEDLSIKMSDRGGGVPLRKIERLFSYMYSTAPTPQPGTGGTPLAGFGYGLPIS
RLYAKYFQGDLQLFSMEGFGTDAVIYLKALSTDSVERLPVYNKSAWRHYQTIQEAGDWCVPSTEPKNTSTYRVS
;
_entity_poly.pdbx_strand_id   A
#
# COMPACT_ATOMS: atom_id res chain seq x y z
N GLY A 1 -23.94 -23.51 -0.63
CA GLY A 1 -22.91 -23.78 0.36
C GLY A 1 -23.09 -22.98 1.63
N SER A 2 -21.98 -22.64 2.30
CA SER A 2 -22.02 -21.88 3.54
C SER A 2 -21.20 -20.60 3.45
N ALA A 3 -21.01 -20.05 2.25
CA ALA A 3 -20.23 -18.80 2.14
C ALA A 3 -20.95 -17.63 2.80
N PRO A 4 -22.24 -17.36 2.54
CA PRO A 4 -22.91 -16.28 3.29
C PRO A 4 -22.92 -16.51 4.78
N LYS A 5 -22.93 -17.77 5.21
CA LYS A 5 -22.92 -18.08 6.64
C LYS A 5 -21.61 -17.63 7.30
N TYR A 6 -20.48 -17.94 6.66
CA TYR A 6 -19.19 -17.55 7.22
C TYR A 6 -19.00 -16.04 7.23
N ILE A 7 -19.53 -15.35 6.21
CA ILE A 7 -19.35 -13.90 6.12
C ILE A 7 -20.06 -13.21 7.28
N GLU A 8 -21.33 -13.55 7.52
CA GLU A 8 -22.09 -12.93 8.58
C GLU A 8 -21.48 -13.19 9.95
N HIS A 9 -20.90 -14.38 10.16
CA HIS A 9 -20.32 -14.71 11.44
C HIS A 9 -19.10 -13.87 11.74
N PHE A 10 -18.08 -13.94 10.87
CA PHE A 10 -16.82 -13.27 11.16
C PHE A 10 -16.88 -11.76 10.97
N SER A 11 -17.86 -11.26 10.21
CA SER A 11 -18.02 -9.81 10.08
C SER A 11 -18.44 -9.15 11.38
N LYS A 12 -19.02 -9.91 12.31
CA LYS A 12 -19.35 -9.36 13.62
C LYS A 12 -18.11 -9.08 14.45
N PHE A 13 -16.97 -9.68 14.11
CA PHE A 13 -15.72 -9.42 14.79
C PHE A 13 -15.02 -8.23 14.16
N SER A 14 -14.43 -7.38 14.99
CA SER A 14 -13.65 -6.32 14.39
C SER A 14 -12.21 -6.79 14.16
N PRO A 15 -11.59 -6.34 13.07
CA PRO A 15 -10.16 -6.65 12.86
C PRO A 15 -9.32 -6.11 14.01
N SER A 16 -8.23 -6.81 14.31
CA SER A 16 -7.32 -6.41 15.37
C SER A 16 -6.10 -5.74 14.75
N PRO A 17 -5.99 -4.41 14.81
CA PRO A 17 -4.81 -3.75 14.22
C PRO A 17 -3.57 -4.00 15.07
N LEU A 18 -2.48 -4.35 14.40
CA LEU A 18 -1.21 -4.63 15.04
C LEU A 18 -0.23 -3.50 14.78
N SER A 19 0.62 -3.22 15.77
CA SER A 19 1.63 -2.20 15.63
C SER A 19 2.89 -2.78 15.00
N MET A 20 3.78 -1.88 14.56
CA MET A 20 5.05 -2.31 13.99
C MET A 20 5.90 -3.04 15.02
N LYS A 21 5.81 -2.63 16.30
CA LYS A 21 6.57 -3.30 17.34
C LYS A 21 6.05 -4.71 17.58
N GLN A 22 4.74 -4.91 17.50
CA GLN A 22 4.19 -6.25 17.64
C GLN A 22 4.65 -7.17 16.50
N PHE A 23 4.64 -6.65 15.27
CA PHE A 23 5.15 -7.42 14.14
C PHE A 23 6.61 -7.81 14.37
N LEU A 24 7.40 -6.89 14.91
CA LEU A 24 8.83 -7.15 15.08
C LEU A 24 9.08 -8.16 16.20
N ASP A 25 8.41 -7.98 17.34
CA ASP A 25 8.66 -8.85 18.49
C ASP A 25 8.09 -10.25 18.26
N PHE A 26 6.96 -10.36 17.56
CA PHE A 26 6.39 -11.67 17.29
C PHE A 26 7.25 -12.47 16.32
N GLY A 27 7.83 -11.81 15.32
CA GLY A 27 8.67 -12.46 14.34
C GLY A 27 10.13 -12.57 14.72
N SER A 28 10.49 -12.24 15.96
CA SER A 28 11.89 -12.29 16.39
C SER A 28 12.30 -13.71 16.74
N SER A 29 13.12 -13.86 17.79
CA SER A 29 13.56 -15.19 18.20
C SER A 29 12.42 -15.99 18.80
N ASN A 30 11.55 -15.35 19.56
CA ASN A 30 10.40 -16.01 20.15
C ASN A 30 9.26 -16.10 19.14
N ALA A 31 9.56 -16.61 17.95
CA ALA A 31 8.57 -16.74 16.88
C ALA A 31 8.08 -18.19 16.85
N CYS A 32 6.84 -18.40 17.28
CA CYS A 32 6.22 -19.72 17.29
C CYS A 32 5.25 -19.82 16.12
N GLU A 33 5.52 -20.76 15.21
CA GLU A 33 4.64 -20.93 14.06
C GLU A 33 3.25 -21.40 14.48
N LYS A 34 3.16 -22.15 15.58
CA LYS A 34 1.86 -22.58 16.07
C LYS A 34 1.01 -21.40 16.54
N THR A 35 1.62 -20.45 17.26
CA THR A 35 0.89 -19.29 17.74
C THR A 35 0.44 -18.40 16.59
N SER A 36 1.30 -18.22 15.58
CA SER A 36 0.91 -17.45 14.41
C SER A 36 -0.21 -18.14 13.64
N PHE A 37 -0.22 -19.47 13.63
CA PHE A 37 -1.29 -20.20 12.96
C PHE A 37 -2.63 -20.01 13.68
N THR A 38 -2.61 -20.06 15.01
CA THR A 38 -3.85 -19.90 15.78
C THR A 38 -4.42 -18.50 15.60
N PHE A 39 -3.54 -17.49 15.52
CA PHE A 39 -4.01 -16.12 15.34
C PHE A 39 -4.54 -15.89 13.94
N LEU A 40 -3.80 -16.35 12.92
CA LEU A 40 -4.15 -16.03 11.55
C LEU A 40 -5.39 -16.77 11.07
N ARG A 41 -5.60 -18.01 11.54
CA ARG A 41 -6.78 -18.75 11.12
C ARG A 41 -8.07 -18.12 11.61
N GLN A 42 -8.00 -17.21 12.58
CA GLN A 42 -9.14 -16.44 13.05
C GLN A 42 -9.14 -15.01 12.51
N GLU A 43 -7.98 -14.35 12.46
CA GLU A 43 -7.92 -12.95 12.06
C GLU A 43 -8.12 -12.78 10.55
N LEU A 44 -7.58 -13.69 9.75
CA LEU A 44 -7.77 -13.59 8.30
C LEU A 44 -9.23 -13.71 7.89
N PRO A 45 -10.02 -14.66 8.40
CA PRO A 45 -11.46 -14.67 8.06
C PRO A 45 -12.19 -13.41 8.53
N VAL A 46 -11.80 -12.86 9.68
CA VAL A 46 -12.45 -11.64 10.17
C VAL A 46 -12.21 -10.49 9.20
N ARG A 47 -10.97 -10.33 8.72
CA ARG A 47 -10.68 -9.25 7.79
C ARG A 47 -11.31 -9.50 6.43
N LEU A 48 -11.31 -10.76 5.97
CA LEU A 48 -11.96 -11.10 4.72
C LEU A 48 -13.45 -10.80 4.76
N ALA A 49 -14.12 -11.27 5.82
CA ALA A 49 -15.57 -11.13 5.90
C ALA A 49 -16.00 -9.68 6.03
N ASN A 50 -15.22 -8.85 6.73
CA ASN A 50 -15.59 -7.45 6.91
C ASN A 50 -15.64 -6.72 5.58
N ILE A 51 -14.63 -6.90 4.73
CA ILE A 51 -14.64 -6.24 3.44
C ILE A 51 -15.63 -6.93 2.50
N MET A 52 -15.82 -8.24 2.64
CA MET A 52 -16.79 -8.94 1.80
C MET A 52 -18.23 -8.52 2.11
N LYS A 53 -18.52 -8.22 3.38
CA LYS A 53 -19.86 -7.75 3.73
C LYS A 53 -20.08 -6.32 3.23
N GLU A 54 -19.04 -5.49 3.23
CA GLU A 54 -19.17 -4.15 2.68
C GLU A 54 -19.34 -4.17 1.17
N ILE A 55 -18.76 -5.17 0.50
CA ILE A 55 -18.97 -5.32 -0.94
C ILE A 55 -20.43 -5.61 -1.23
N ASN A 56 -21.10 -6.39 -0.36
CA ASN A 56 -22.51 -6.69 -0.56
C ASN A 56 -23.38 -5.45 -0.40
N LEU A 57 -22.94 -4.47 0.40
CA LEU A 57 -23.72 -3.25 0.57
C LEU A 57 -23.63 -2.32 -0.63
N LEU A 58 -22.78 -2.62 -1.60
CA LEU A 58 -22.74 -1.83 -2.82
C LEU A 58 -24.04 -2.01 -3.60
N PRO A 59 -24.43 -1.01 -4.40
CA PRO A 59 -25.63 -1.15 -5.22
C PRO A 59 -25.50 -2.32 -6.20
N ASP A 60 -26.64 -2.90 -6.56
CA ASP A 60 -26.63 -4.02 -7.49
C ASP A 60 -26.13 -3.61 -8.87
N ARG A 61 -26.14 -2.31 -9.18
CA ARG A 61 -25.54 -1.84 -10.42
C ARG A 61 -24.06 -2.16 -10.47
N VAL A 62 -23.37 -2.04 -9.35
CA VAL A 62 -21.95 -2.35 -9.29
C VAL A 62 -21.71 -3.80 -8.86
N LEU A 63 -22.57 -4.33 -7.97
CA LEU A 63 -22.37 -5.68 -7.45
C LEU A 63 -22.52 -6.72 -8.55
N SER A 64 -23.37 -6.46 -9.55
CA SER A 64 -23.63 -7.42 -10.61
C SER A 64 -22.69 -7.28 -11.80
N THR A 65 -21.71 -6.38 -11.73
CA THR A 65 -20.74 -6.25 -12.81
C THR A 65 -19.77 -7.42 -12.78
N PRO A 66 -19.24 -7.82 -13.94
CA PRO A 66 -18.32 -8.96 -13.96
C PRO A 66 -17.04 -8.73 -13.17
N SER A 67 -16.59 -7.48 -13.06
CA SER A 67 -15.35 -7.20 -12.33
C SER A 67 -15.54 -7.44 -10.83
N VAL A 68 -16.59 -6.87 -10.25
CA VAL A 68 -16.84 -7.05 -8.83
C VAL A 68 -17.15 -8.50 -8.50
N GLN A 69 -17.90 -9.18 -9.36
CA GLN A 69 -18.24 -10.57 -9.11
C GLN A 69 -17.01 -11.47 -9.18
N LEU A 70 -16.12 -11.21 -10.14
CA LEU A 70 -14.89 -11.99 -10.23
C LEU A 70 -14.04 -11.84 -8.99
N VAL A 71 -13.89 -10.60 -8.50
CA VAL A 71 -13.12 -10.37 -7.28
C VAL A 71 -13.84 -10.96 -6.08
N GLN A 72 -15.16 -10.82 -6.02
CA GLN A 72 -15.92 -11.38 -4.92
C GLN A 72 -15.83 -12.90 -4.89
N SER A 73 -15.69 -13.54 -6.05
CA SER A 73 -15.51 -15.00 -6.07
C SER A 73 -14.13 -15.38 -5.54
N TRP A 74 -13.12 -14.54 -5.76
CA TRP A 74 -11.81 -14.81 -5.17
C TRP A 74 -11.87 -14.75 -3.65
N TYR A 75 -12.56 -13.75 -3.11
CA TYR A 75 -12.66 -13.62 -1.66
C TYR A 75 -13.48 -14.74 -1.04
N VAL A 76 -14.51 -15.22 -1.74
CA VAL A 76 -15.28 -16.35 -1.25
C VAL A 76 -14.39 -17.60 -1.19
N GLN A 77 -13.62 -17.84 -2.25
CA GLN A 77 -12.77 -19.03 -2.29
C GLN A 77 -11.64 -18.93 -1.25
N SER A 78 -11.01 -17.76 -1.14
CA SER A 78 -9.95 -17.60 -0.15
C SER A 78 -10.48 -17.76 1.27
N LEU A 79 -11.70 -17.28 1.53
CA LEU A 79 -12.31 -17.46 2.84
C LEU A 79 -12.50 -18.95 3.14
N LEU A 80 -12.98 -19.71 2.16
CA LEU A 80 -13.21 -21.14 2.38
C LEU A 80 -11.91 -21.90 2.58
N ASP A 81 -10.81 -21.44 1.98
CA ASP A 81 -9.52 -22.09 2.17
C ASP A 81 -9.07 -22.01 3.63
N ILE A 82 -9.37 -20.89 4.29
CA ILE A 82 -8.98 -20.74 5.69
C ILE A 82 -9.92 -21.52 6.61
N MET A 83 -11.17 -21.71 6.18
CA MET A 83 -12.14 -22.42 7.03
C MET A 83 -11.70 -23.85 7.30
N GLU A 84 -10.94 -24.46 6.39
CA GLU A 84 -10.53 -25.85 6.56
C GLU A 84 -9.59 -26.04 7.74
N PHE A 85 -8.88 -25.00 8.17
CA PHE A 85 -7.89 -25.10 9.23
C PHE A 85 -8.44 -24.72 10.60
N LEU A 86 -9.75 -24.46 10.70
CA LEU A 86 -10.32 -24.05 11.98
C LEU A 86 -10.32 -25.20 12.99
N ASP A 87 -10.66 -26.41 12.56
CA ASP A 87 -10.74 -27.56 13.44
C ASP A 87 -9.45 -28.39 13.44
N LYS A 88 -8.45 -28.01 12.64
CA LYS A 88 -7.23 -28.79 12.57
C LYS A 88 -6.38 -28.59 13.82
N ASP A 89 -5.60 -29.62 14.14
CA ASP A 89 -4.77 -29.59 15.34
C ASP A 89 -3.52 -28.76 15.10
N PRO A 90 -3.32 -27.67 15.85
CA PRO A 90 -2.09 -26.89 15.66
C PRO A 90 -0.83 -27.63 16.07
N GLU A 91 -0.94 -28.68 16.86
CA GLU A 91 0.23 -29.44 17.31
C GLU A 91 0.76 -30.38 16.23
N ASP A 92 0.09 -30.49 15.09
CA ASP A 92 0.55 -31.34 13.99
C ASP A 92 1.36 -30.50 13.02
N HIS A 93 2.60 -30.94 12.76
CA HIS A 93 3.47 -30.18 11.84
C HIS A 93 2.92 -30.20 10.42
N ARG A 94 2.17 -31.24 10.05
CA ARG A 94 1.53 -31.26 8.74
C ARG A 94 0.46 -30.17 8.63
N THR A 95 -0.21 -29.85 9.72
CA THR A 95 -1.20 -28.77 9.70
C THR A 95 -0.54 -27.43 9.42
N LEU A 96 0.60 -27.16 10.06
CA LEU A 96 1.28 -25.88 9.87
C LEU A 96 1.87 -25.79 8.47
N SER A 97 2.36 -26.90 7.92
CA SER A 97 2.94 -26.87 6.59
C SER A 97 1.88 -26.62 5.52
N GLN A 98 0.72 -27.24 5.66
CA GLN A 98 -0.36 -27.02 4.69
C GLN A 98 -0.93 -25.61 4.79
N PHE A 99 -0.93 -25.04 6.01
CA PHE A 99 -1.45 -23.68 6.17
C PHE A 99 -0.58 -22.67 5.45
N THR A 100 0.75 -22.84 5.52
CA THR A 100 1.65 -21.93 4.81
C THR A 100 1.49 -22.06 3.30
N ASP A 101 1.35 -23.30 2.81
CA ASP A 101 1.12 -23.49 1.38
C ASP A 101 -0.21 -22.91 0.93
N ALA A 102 -1.22 -22.95 1.80
CA ALA A 102 -2.52 -22.40 1.45
C ALA A 102 -2.49 -20.87 1.40
N LEU A 103 -1.66 -20.24 2.21
CA LEU A 103 -1.56 -18.78 2.17
C LEU A 103 -0.90 -18.31 0.89
N VAL A 104 0.08 -19.06 0.38
CA VAL A 104 0.73 -18.69 -0.87
C VAL A 104 -0.24 -18.78 -2.03
N THR A 105 -1.09 -19.82 -2.03
CA THR A 105 -2.08 -19.95 -3.09
C THR A 105 -3.07 -18.80 -3.08
N ILE A 106 -3.48 -18.36 -1.88
CA ILE A 106 -4.39 -17.22 -1.77
C ILE A 106 -3.69 -15.95 -2.23
N ARG A 107 -2.40 -15.80 -1.90
CA ARG A 107 -1.67 -14.59 -2.29
C ARG A 107 -1.55 -14.49 -3.81
N ASN A 108 -1.24 -15.60 -4.49
CA ASN A 108 -1.14 -15.57 -5.94
C ASN A 108 -2.50 -15.49 -6.61
N ARG A 109 -3.56 -15.95 -5.94
CA ARG A 109 -4.90 -15.84 -6.51
C ARG A 109 -5.37 -14.39 -6.58
N HIS A 110 -4.89 -13.54 -5.68
CA HIS A 110 -5.25 -12.13 -5.64
C HIS A 110 -4.15 -11.25 -6.21
N ASN A 111 -3.43 -11.73 -7.22
CA ASN A 111 -2.32 -10.97 -7.78
C ASN A 111 -2.75 -10.00 -8.87
N ASP A 112 -3.95 -10.16 -9.44
CA ASP A 112 -4.40 -9.29 -10.51
C ASP A 112 -5.65 -8.51 -10.09
N VAL A 113 -5.60 -7.87 -8.93
CA VAL A 113 -6.76 -7.14 -8.43
C VAL A 113 -6.73 -5.68 -8.85
N VAL A 114 -5.54 -5.07 -8.89
CA VAL A 114 -5.43 -3.66 -9.29
C VAL A 114 -5.89 -3.44 -10.72
N PRO A 115 -5.42 -4.19 -11.72
CA PRO A 115 -5.96 -3.96 -13.08
C PRO A 115 -7.41 -4.36 -13.23
N THR A 116 -7.90 -5.31 -12.43
CA THR A 116 -9.30 -5.71 -12.52
C THR A 116 -10.22 -4.62 -12.01
N MET A 117 -9.89 -4.02 -10.86
CA MET A 117 -10.70 -2.91 -10.35
C MET A 117 -10.58 -1.67 -11.23
N ALA A 118 -9.46 -1.52 -11.94
CA ALA A 118 -9.35 -0.41 -12.88
C ALA A 118 -10.31 -0.60 -14.05
N GLN A 119 -10.46 -1.84 -14.52
CA GLN A 119 -11.46 -2.12 -15.55
C GLN A 119 -12.87 -1.86 -15.05
N GLY A 120 -13.11 -2.15 -13.76
CA GLY A 120 -14.42 -1.88 -13.20
C GLY A 120 -14.75 -0.40 -13.13
N VAL A 121 -13.76 0.43 -12.82
CA VAL A 121 -13.97 1.86 -12.76
C VAL A 121 -14.27 2.42 -14.16
N LEU A 122 -13.52 1.95 -15.16
CA LEU A 122 -13.76 2.41 -16.54
C LEU A 122 -15.14 1.96 -17.01
N GLU A 123 -15.57 0.77 -16.62
CA GLU A 123 -16.91 0.30 -16.99
C GLU A 123 -17.99 1.17 -16.36
N TYR A 124 -17.77 1.62 -15.12
CA TYR A 124 -18.79 2.42 -14.45
C TYR A 124 -18.92 3.80 -15.10
N LYS A 125 -17.80 4.40 -15.49
CA LYS A 125 -17.87 5.73 -16.10
C LYS A 125 -18.60 5.70 -17.42
N ASP A 126 -18.39 4.65 -18.22
CA ASP A 126 -19.06 4.54 -19.51
C ASP A 126 -20.47 4.00 -19.40
N THR A 127 -20.87 3.47 -18.24
CA THR A 127 -22.21 2.93 -18.03
C THR A 127 -23.12 3.91 -17.31
N TYR A 128 -22.65 4.58 -16.26
CA TYR A 128 -23.47 5.47 -15.47
C TYR A 128 -22.96 6.90 -15.39
N GLY A 129 -21.78 7.19 -15.94
CA GLY A 129 -21.26 8.54 -15.94
C GLY A 129 -20.25 8.78 -14.82
N ASP A 130 -19.71 9.99 -14.82
CA ASP A 130 -18.69 10.41 -13.87
C ASP A 130 -19.20 11.62 -13.09
N ASP A 131 -20.22 11.38 -12.24
CA ASP A 131 -20.73 12.46 -11.40
C ASP A 131 -19.96 12.51 -10.08
N PRO A 132 -19.84 13.70 -9.48
CA PRO A 132 -19.09 13.83 -8.23
C PRO A 132 -19.64 12.97 -7.09
N VAL A 133 -20.93 12.65 -7.12
CA VAL A 133 -21.50 11.78 -6.09
C VAL A 133 -20.98 10.35 -6.26
N SER A 134 -20.88 9.88 -7.51
CA SER A 134 -20.36 8.54 -7.75
C SER A 134 -18.86 8.47 -7.47
N ASN A 135 -18.14 9.57 -7.66
CA ASN A 135 -16.71 9.57 -7.37
C ASN A 135 -16.44 9.35 -5.88
N GLN A 136 -17.28 9.93 -5.02
CA GLN A 136 -17.10 9.76 -3.58
C GLN A 136 -17.35 8.32 -3.16
N ASN A 137 -18.40 7.70 -3.71
CA ASN A 137 -18.69 6.31 -3.37
C ASN A 137 -17.57 5.38 -3.84
N ILE A 138 -17.05 5.62 -5.05
CA ILE A 138 -15.98 4.78 -5.58
C ILE A 138 -14.68 5.03 -4.80
N GLN A 139 -14.36 6.30 -4.54
CA GLN A 139 -13.15 6.62 -3.79
C GLN A 139 -13.20 6.05 -2.38
N TYR A 140 -14.36 6.19 -1.71
CA TYR A 140 -14.50 5.69 -0.35
C TYR A 140 -14.35 4.17 -0.29
N PHE A 141 -14.93 3.46 -1.25
CA PHE A 141 -14.88 2.01 -1.23
C PHE A 141 -13.51 1.48 -1.64
N LEU A 142 -12.93 2.03 -2.71
CA LEU A 142 -11.66 1.53 -3.20
C LEU A 142 -10.54 1.77 -2.19
N ASP A 143 -10.57 2.91 -1.50
CA ASP A 143 -9.58 3.17 -0.45
C ASP A 143 -9.66 2.10 0.64
N ARG A 144 -10.87 1.80 1.11
CA ARG A 144 -11.03 0.79 2.15
C ARG A 144 -10.72 -0.61 1.63
N PHE A 145 -11.12 -0.91 0.39
CA PHE A 145 -10.85 -2.23 -0.18
C PHE A 145 -9.35 -2.46 -0.34
N TYR A 146 -8.65 -1.50 -0.94
CA TYR A 146 -7.21 -1.66 -1.15
C TYR A 146 -6.46 -1.68 0.18
N LEU A 147 -6.83 -0.80 1.11
CA LEU A 147 -6.18 -0.80 2.42
C LEU A 147 -6.39 -2.13 3.14
N SER A 148 -7.61 -2.68 3.05
CA SER A 148 -7.85 -4.02 3.58
C SER A 148 -6.96 -5.04 2.90
N ARG A 149 -6.82 -4.94 1.57
CA ARG A 149 -5.97 -5.88 0.84
C ARG A 149 -4.51 -5.77 1.26
N ILE A 150 -4.04 -4.54 1.50
CA ILE A 150 -2.67 -4.34 1.95
C ILE A 150 -2.44 -5.03 3.30
N SER A 151 -3.39 -4.86 4.22
CA SER A 151 -3.24 -5.42 5.56
C SER A 151 -3.23 -6.94 5.54
N ILE A 152 -4.07 -7.55 4.69
CA ILE A 152 -4.11 -9.00 4.60
C ILE A 152 -2.81 -9.53 4.01
N ARG A 153 -2.33 -8.90 2.93
CA ARG A 153 -1.07 -9.29 2.33
C ARG A 153 0.09 -9.14 3.30
N MET A 154 0.01 -8.14 4.19
CA MET A 154 1.05 -7.96 5.20
C MET A 154 1.12 -9.15 6.15
N LEU A 155 -0.03 -9.61 6.64
CA LEU A 155 -0.05 -10.75 7.55
C LEU A 155 0.46 -12.01 6.86
N ILE A 156 0.08 -12.21 5.59
CA ILE A 156 0.52 -13.40 4.86
C ILE A 156 2.02 -13.35 4.61
N ASN A 157 2.53 -12.18 4.22
CA ASN A 157 3.97 -12.06 3.94
C ASN A 157 4.80 -12.32 5.18
N GLN A 158 4.34 -11.85 6.35
CA GLN A 158 5.10 -12.06 7.57
C GLN A 158 5.13 -13.54 7.97
N HIS A 159 4.07 -14.28 7.69
CA HIS A 159 4.02 -15.69 8.07
C HIS A 159 4.84 -16.55 7.13
N THR A 160 4.69 -16.34 5.82
CA THR A 160 5.36 -17.19 4.85
C THR A 160 6.86 -16.91 4.77
N LEU A 161 7.27 -15.66 5.02
CA LEU A 161 8.69 -15.34 4.94
C LEU A 161 9.44 -15.77 6.20
N ILE A 162 8.81 -15.70 7.36
CA ILE A 162 9.49 -16.07 8.60
C ILE A 162 9.60 -17.58 8.73
N PHE A 163 8.50 -18.31 8.53
CA PHE A 163 8.48 -19.75 8.70
C PHE A 163 8.62 -20.44 7.34
N ASP A 164 9.80 -20.24 6.75
CA ASP A 164 10.11 -20.81 5.45
C ASP A 164 10.86 -22.14 5.52
N GLY A 165 11.27 -22.55 6.72
CA GLY A 165 11.98 -23.81 6.88
C GLY A 165 13.46 -23.64 7.18
N LYS A 173 18.39 -10.71 10.37
CA LYS A 173 18.39 -9.25 10.25
C LYS A 173 17.01 -8.72 9.90
N HIS A 174 16.48 -9.16 8.77
CA HIS A 174 15.12 -8.79 8.38
C HIS A 174 14.11 -9.70 9.05
N ILE A 175 13.04 -9.11 9.57
CA ILE A 175 11.96 -9.85 10.21
C ILE A 175 10.82 -9.90 9.18
N GLY A 176 10.87 -10.90 8.31
CA GLY A 176 9.90 -11.02 7.24
C GLY A 176 10.08 -9.93 6.20
N SER A 177 9.08 -9.06 6.07
CA SER A 177 9.16 -7.93 5.16
C SER A 177 9.55 -6.64 5.86
N ILE A 178 9.99 -6.73 7.12
CA ILE A 178 10.28 -5.56 7.94
C ILE A 178 11.79 -5.48 8.16
N ASP A 179 12.34 -4.29 7.93
CA ASP A 179 13.74 -4.01 8.22
C ASP A 179 13.83 -3.20 9.50
N PRO A 180 14.29 -3.77 10.61
CA PRO A 180 14.39 -3.00 11.85
C PRO A 180 15.43 -1.90 11.80
N ASN A 181 16.33 -1.90 10.82
CA ASN A 181 17.31 -0.85 10.61
C ASN A 181 17.30 -0.40 9.16
N CYS A 182 16.11 -0.01 8.69
CA CYS A 182 15.92 0.42 7.30
C CYS A 182 16.57 1.77 7.09
N ASN A 183 17.60 1.83 6.26
CA ASN A 183 18.24 3.08 5.89
C ASN A 183 17.38 3.77 4.84
N VAL A 184 16.74 4.88 5.22
CA VAL A 184 15.78 5.54 4.34
C VAL A 184 16.45 6.02 3.07
N SER A 185 17.63 6.64 3.19
CA SER A 185 18.29 7.17 2.00
C SER A 185 18.64 6.09 1.00
N GLU A 186 18.96 4.87 1.49
CA GLU A 186 19.31 3.79 0.57
C GLU A 186 18.10 3.33 -0.24
N VAL A 187 16.92 3.30 0.39
CA VAL A 187 15.71 2.98 -0.34
C VAL A 187 15.40 4.08 -1.35
N VAL A 188 15.66 5.34 -0.98
CA VAL A 188 15.48 6.44 -1.90
C VAL A 188 16.35 6.27 -3.14
N LYS A 189 17.61 5.88 -2.93
CA LYS A 189 18.52 5.70 -4.07
C LYS A 189 18.06 4.56 -4.96
N ASP A 190 17.56 3.48 -4.37
CA ASP A 190 17.11 2.34 -5.17
C ASP A 190 15.95 2.72 -6.06
N ALA A 191 14.93 3.38 -5.49
CA ALA A 191 13.78 3.80 -6.29
C ALA A 191 14.19 4.81 -7.35
N TYR A 192 15.12 5.70 -7.02
CA TYR A 192 15.63 6.64 -8.02
C TYR A 192 16.34 5.90 -9.15
N ASP A 193 17.20 4.94 -8.82
CA ASP A 193 17.98 4.25 -9.83
C ASP A 193 17.08 3.49 -10.80
N MET A 194 16.01 2.88 -10.28
CA MET A 194 15.07 2.19 -11.16
C MET A 194 14.32 3.18 -12.05
N ALA A 195 13.87 4.30 -11.48
CA ALA A 195 13.20 5.32 -12.27
C ALA A 195 14.13 5.94 -13.30
N LYS A 196 15.40 6.11 -12.94
CA LYS A 196 16.37 6.66 -13.89
C LYS A 196 16.59 5.71 -15.06
N LEU A 197 16.58 4.40 -14.79
CA LEU A 197 16.76 3.42 -15.85
C LEU A 197 15.63 3.50 -16.87
N LEU A 198 14.38 3.54 -16.38
CA LEU A 198 13.25 3.65 -17.29
C LEU A 198 13.23 5.01 -17.99
N CYS A 199 13.63 6.06 -17.29
CA CYS A 199 13.59 7.40 -17.87
C CYS A 199 14.65 7.58 -18.95
N ASP A 200 15.81 6.91 -18.80
CA ASP A 200 16.84 7.02 -19.82
C ASP A 200 16.47 6.25 -21.08
N LYS A 201 15.75 5.13 -20.94
CA LYS A 201 15.41 4.33 -22.11
C LYS A 201 14.32 4.98 -22.96
N TYR A 202 13.45 5.77 -22.35
CA TYR A 202 12.33 6.36 -23.06
C TYR A 202 12.52 7.82 -23.42
N TYR A 203 13.23 8.59 -22.59
CA TYR A 203 13.43 10.01 -22.86
C TYR A 203 14.85 10.36 -23.29
N MET A 204 15.79 9.41 -23.23
CA MET A 204 17.19 9.63 -23.55
C MET A 204 17.82 10.72 -22.67
N ALA A 205 17.24 10.96 -21.50
CA ALA A 205 17.72 11.95 -20.54
C ALA A 205 17.00 11.71 -19.22
N SER A 206 17.67 12.07 -18.13
CA SER A 206 17.11 11.88 -16.81
C SER A 206 17.73 12.89 -15.84
N PRO A 207 16.95 13.43 -14.91
CA PRO A 207 17.52 14.35 -13.92
C PRO A 207 18.41 13.63 -12.93
N ASP A 208 19.31 14.40 -12.32
CA ASP A 208 20.17 13.88 -11.27
C ASP A 208 19.42 13.82 -9.94
N LEU A 209 20.08 13.25 -8.94
CA LEU A 209 19.50 13.09 -7.61
C LEU A 209 20.34 13.82 -6.58
N GLU A 210 19.67 14.47 -5.63
CA GLU A 210 20.32 15.09 -4.48
C GLU A 210 19.55 14.70 -3.24
N ILE A 211 20.26 14.19 -2.23
CA ILE A 211 19.66 13.74 -0.98
C ILE A 211 20.28 14.53 0.17
N GLN A 212 19.43 15.08 1.03
CA GLN A 212 19.87 15.79 2.21
C GLN A 212 19.14 15.20 3.42
N GLU A 213 19.89 14.81 4.43
CA GLU A 213 19.32 14.27 5.66
C GLU A 213 19.37 15.31 6.77
N ILE A 214 18.29 15.38 7.54
CA ILE A 214 18.19 16.27 8.68
C ILE A 214 17.80 15.40 9.87
N ASN A 215 18.78 14.97 10.65
CA ASN A 215 18.56 14.21 11.87
C ASN A 215 18.61 15.19 13.04
N ALA A 216 17.43 15.60 13.50
CA ALA A 216 17.36 16.70 14.47
C ALA A 216 18.04 16.35 15.79
N ALA A 217 17.83 15.13 16.28
CA ALA A 217 18.37 14.76 17.58
C ALA A 217 19.83 14.35 17.51
N ASN A 218 20.28 13.78 16.38
CA ASN A 218 21.65 13.30 16.23
C ASN A 218 22.14 13.71 14.83
N SER A 219 22.68 14.93 14.75
CA SER A 219 23.01 15.52 13.45
C SER A 219 23.96 14.65 12.64
N LYS A 220 24.78 13.83 13.29
CA LYS A 220 25.74 13.00 12.59
C LYS A 220 25.16 11.65 12.16
N GLN A 221 24.31 11.05 12.98
CA GLN A 221 23.90 9.67 12.76
C GLN A 221 23.06 9.57 11.49
N PRO A 222 23.29 8.54 10.66
CA PRO A 222 22.40 8.29 9.54
C PRO A 222 20.99 7.96 10.02
N ILE A 223 20.02 8.25 9.16
CA ILE A 223 18.61 8.13 9.52
C ILE A 223 18.15 6.70 9.22
N HIS A 224 17.86 5.94 10.27
N HIS A 224 17.83 5.95 10.28
CA HIS A 224 17.30 4.61 10.17
CA HIS A 224 17.30 4.59 10.15
C HIS A 224 15.91 4.59 10.78
C HIS A 224 15.97 4.49 10.89
N MET A 225 15.14 3.55 10.44
CA MET A 225 13.82 3.37 11.01
C MET A 225 13.42 1.90 10.87
N VAL A 226 12.39 1.52 11.61
CA VAL A 226 11.74 0.23 11.45
C VAL A 226 10.57 0.42 10.49
N TYR A 227 10.62 -0.22 9.33
CA TYR A 227 9.57 -0.06 8.34
C TYR A 227 9.63 -1.24 7.37
N VAL A 228 8.67 -1.27 6.45
CA VAL A 228 8.61 -2.27 5.39
C VAL A 228 9.22 -1.67 4.13
N PRO A 229 10.45 -2.04 3.77
CA PRO A 229 11.12 -1.38 2.64
C PRO A 229 10.37 -1.49 1.33
N SER A 230 9.63 -2.59 1.10
CA SER A 230 8.87 -2.73 -0.12
C SER A 230 7.83 -1.63 -0.26
N HIS A 231 7.11 -1.32 0.82
CA HIS A 231 6.11 -0.27 0.78
C HIS A 231 6.75 1.09 0.52
N LEU A 232 7.87 1.37 1.20
CA LEU A 232 8.55 2.65 1.02
C LEU A 232 9.09 2.78 -0.40
N TYR A 233 9.60 1.68 -0.96
CA TYR A 233 10.07 1.70 -2.34
C TYR A 233 8.94 2.00 -3.31
N HIS A 234 7.78 1.38 -3.11
N HIS A 234 7.78 1.38 -3.11
CA HIS A 234 6.65 1.57 -4.00
CA HIS A 234 6.66 1.58 -4.02
C HIS A 234 6.23 3.04 -4.05
C HIS A 234 6.23 3.05 -4.06
N MET A 235 6.19 3.70 -2.89
CA MET A 235 5.81 5.11 -2.86
C MET A 235 6.87 5.98 -3.52
N LEU A 236 8.14 5.76 -3.18
CA LEU A 236 9.22 6.57 -3.74
C LEU A 236 9.38 6.34 -5.23
N PHE A 237 9.24 5.09 -5.68
CA PHE A 237 9.35 4.81 -7.11
C PHE A 237 8.24 5.50 -7.89
N GLU A 238 7.03 5.52 -7.34
CA GLU A 238 5.93 6.18 -8.02
C GLU A 238 6.15 7.69 -8.09
N LEU A 239 6.63 8.28 -6.99
CA LEU A 239 6.89 9.72 -6.99
C LEU A 239 8.07 10.08 -7.89
N PHE A 240 9.07 9.20 -7.99
CA PHE A 240 10.22 9.48 -8.85
C PHE A 240 9.83 9.44 -10.32
N LYS A 241 8.95 8.51 -10.71
CA LYS A 241 8.51 8.44 -12.10
C LYS A 241 7.77 9.70 -12.50
N ASN A 242 6.88 10.19 -11.64
CA ASN A 242 6.13 11.41 -11.95
C ASN A 242 7.05 12.61 -12.03
N ALA A 243 7.96 12.76 -11.05
CA ALA A 243 8.85 13.90 -11.03
C ALA A 243 9.81 13.91 -12.21
N MET A 244 10.25 12.73 -12.65
CA MET A 244 11.13 12.66 -13.82
C MET A 244 10.38 12.97 -15.10
N ARG A 245 9.20 12.39 -15.27
CA ARG A 245 8.39 12.67 -16.46
C ARG A 245 8.10 14.15 -16.59
N ALA A 246 7.73 14.80 -15.49
CA ALA A 246 7.41 16.23 -15.54
C ALA A 246 8.65 17.07 -15.80
N THR A 247 9.79 16.70 -15.19
CA THR A 247 11.01 17.48 -15.37
C THR A 247 11.51 17.39 -16.80
N VAL A 248 11.55 16.19 -17.37
CA VAL A 248 12.09 16.02 -18.71
C VAL A 248 11.18 16.67 -19.75
N GLU A 249 9.86 16.49 -19.62
CA GLU A 249 8.94 17.00 -20.63
C GLU A 249 8.83 18.52 -20.58
N SER A 250 8.91 19.11 -19.38
CA SER A 250 8.83 20.56 -19.25
C SER A 250 10.12 21.27 -19.64
N HIS A 251 11.16 20.53 -20.04
CA HIS A 251 12.43 21.12 -20.42
C HIS A 251 12.92 20.55 -21.75
N GLU A 252 11.99 20.13 -22.61
CA GLU A 252 12.39 19.58 -23.91
C GLU A 252 13.02 20.66 -24.78
N SER A 253 12.48 21.88 -24.74
CA SER A 253 13.05 23.00 -25.48
C SER A 253 14.23 23.63 -24.76
N SER A 254 14.47 23.28 -23.50
CA SER A 254 15.59 23.80 -22.73
C SER A 254 16.75 22.81 -22.78
N LEU A 255 17.87 23.22 -22.20
CA LEU A 255 19.07 22.38 -22.12
C LEU A 255 19.42 21.97 -20.70
N ILE A 256 19.26 22.86 -19.72
CA ILE A 256 19.53 22.52 -18.33
C ILE A 256 18.39 21.66 -17.80
N LEU A 257 18.72 20.50 -17.24
CA LEU A 257 17.72 19.59 -16.68
C LEU A 257 17.82 19.64 -15.16
N PRO A 258 16.89 20.30 -14.47
CA PRO A 258 17.00 20.46 -13.02
C PRO A 258 17.02 19.12 -12.32
N PRO A 259 17.80 18.98 -11.25
CA PRO A 259 17.82 17.73 -10.49
C PRO A 259 16.58 17.59 -9.62
N ILE A 260 16.40 16.38 -9.12
CA ILE A 260 15.36 16.08 -8.14
C ILE A 260 15.99 16.09 -6.76
N LYS A 261 15.48 16.94 -5.88
CA LYS A 261 16.02 17.09 -4.54
C LYS A 261 15.12 16.36 -3.55
N VAL A 262 15.73 15.53 -2.71
CA VAL A 262 15.02 14.77 -1.69
C VAL A 262 15.61 15.11 -0.33
N MET A 263 14.76 15.51 0.61
CA MET A 263 15.15 15.73 1.99
C MET A 263 14.53 14.65 2.87
N VAL A 264 15.36 14.02 3.69
CA VAL A 264 14.92 13.04 4.68
C VAL A 264 15.10 13.68 6.04
N ALA A 265 13.99 13.96 6.72
CA ALA A 265 14.02 14.62 8.02
C ALA A 265 13.49 13.65 9.08
N LEU A 266 14.23 13.51 10.18
CA LEU A 266 13.84 12.68 11.30
C LEU A 266 13.60 13.57 12.50
N GLY A 267 12.33 13.67 12.91
CA GLY A 267 11.96 14.43 14.09
C GLY A 267 11.65 13.53 15.27
N GLU A 268 11.11 14.15 16.32
N GLU A 268 11.13 14.16 16.33
CA GLU A 268 10.76 13.41 17.53
CA GLU A 268 10.76 13.41 17.53
C GLU A 268 9.54 12.53 17.33
C GLU A 268 9.58 12.47 17.28
N GLU A 269 8.75 12.78 16.31
CA GLU A 269 7.54 12.01 16.04
C GLU A 269 7.42 11.56 14.60
N ASP A 270 7.84 12.39 13.65
CA ASP A 270 7.68 12.11 12.22
C ASP A 270 9.03 11.79 11.58
N LEU A 271 8.98 10.96 10.55
CA LEU A 271 10.06 10.81 9.58
C LEU A 271 9.48 11.23 8.23
N SER A 272 9.95 12.37 7.73
CA SER A 272 9.37 13.00 6.55
C SER A 272 10.33 12.93 5.38
N ILE A 273 9.80 12.65 4.19
CA ILE A 273 10.58 12.54 2.97
C ILE A 273 9.94 13.46 1.94
N LYS A 274 10.63 14.55 1.60
CA LYS A 274 10.15 15.50 0.60
C LYS A 274 10.93 15.31 -0.70
N MET A 275 10.20 15.16 -1.80
CA MET A 275 10.78 15.06 -3.13
C MET A 275 10.39 16.32 -3.91
N SER A 276 11.38 17.14 -4.25
CA SER A 276 11.16 18.41 -4.92
C SER A 276 11.63 18.32 -6.37
N ASP A 277 10.74 18.67 -7.29
CA ASP A 277 11.09 18.75 -8.71
C ASP A 277 10.76 20.14 -9.24
N ARG A 278 11.31 20.43 -10.41
CA ARG A 278 10.99 21.66 -11.14
C ARG A 278 10.38 21.31 -12.48
N GLY A 279 9.39 20.41 -12.48
CA GLY A 279 8.79 19.93 -13.71
C GLY A 279 7.67 20.78 -14.24
N GLY A 280 7.64 22.07 -13.89
CA GLY A 280 6.64 22.99 -14.36
C GLY A 280 5.43 23.13 -13.47
N GLY A 281 5.21 22.21 -12.55
CA GLY A 281 4.12 22.32 -11.60
C GLY A 281 2.77 21.96 -12.23
N VAL A 282 1.77 21.93 -11.36
CA VAL A 282 0.40 21.56 -11.75
C VAL A 282 -0.57 22.52 -11.06
N PRO A 283 -1.59 23.03 -11.75
CA PRO A 283 -2.58 23.88 -11.09
C PRO A 283 -3.27 23.14 -9.95
N LEU A 284 -3.62 23.91 -8.91
CA LEU A 284 -4.22 23.32 -7.71
C LEU A 284 -5.51 22.56 -8.05
N ARG A 285 -6.27 23.03 -9.04
CA ARG A 285 -7.52 22.37 -9.41
C ARG A 285 -7.27 20.92 -9.82
N LYS A 286 -6.16 20.64 -10.49
CA LYS A 286 -5.86 19.30 -10.96
C LYS A 286 -5.16 18.46 -9.90
N ILE A 287 -4.43 19.08 -8.97
CA ILE A 287 -3.74 18.32 -7.93
C ILE A 287 -4.75 17.55 -7.08
N GLU A 288 -5.86 18.19 -6.73
CA GLU A 288 -6.86 17.57 -5.87
C GLU A 288 -7.56 16.39 -6.52
N ARG A 289 -7.39 16.20 -7.84
CA ARG A 289 -7.99 15.09 -8.55
C ARG A 289 -6.98 13.99 -8.89
N LEU A 290 -5.70 14.21 -8.61
CA LEU A 290 -4.69 13.19 -8.89
C LEU A 290 -4.83 11.97 -7.99
N PHE A 291 -5.51 12.08 -6.85
CA PHE A 291 -5.73 10.97 -5.95
C PHE A 291 -7.08 10.30 -6.14
N SER A 292 -7.82 10.67 -7.19
CA SER A 292 -9.14 10.11 -7.45
C SER A 292 -9.03 8.98 -8.46
N TYR A 293 -9.58 7.81 -8.10
CA TYR A 293 -9.59 6.68 -9.02
C TYR A 293 -10.40 6.99 -10.27
N MET A 294 -11.56 7.61 -10.10
CA MET A 294 -12.44 7.88 -11.24
C MET A 294 -11.84 8.92 -12.18
N TYR A 295 -11.26 9.99 -11.63
CA TYR A 295 -10.75 11.06 -12.48
C TYR A 295 -9.44 10.68 -13.16
N SER A 296 -8.65 9.81 -12.53
CA SER A 296 -7.37 9.37 -13.08
C SER A 296 -7.49 8.07 -13.85
N THR A 297 -8.61 7.85 -14.53
CA THR A 297 -8.84 6.65 -15.32
C THR A 297 -9.22 7.06 -16.74
N ALA A 298 -8.52 6.48 -17.72
CA ALA A 298 -8.73 6.78 -19.12
C ALA A 298 -8.72 5.48 -19.92
N PRO A 299 -9.48 5.41 -21.02
CA PRO A 299 -9.50 4.22 -21.89
C PRO A 299 -8.13 3.90 -22.48
N GLY A 314 -1.92 4.06 -13.67
CA GLY A 314 -2.81 5.19 -13.49
C GLY A 314 -3.19 5.44 -12.05
N TYR A 315 -3.14 4.40 -11.23
CA TYR A 315 -3.48 4.48 -9.82
C TYR A 315 -2.24 4.53 -8.93
N GLY A 316 -1.12 5.06 -9.45
CA GLY A 316 0.10 5.08 -8.67
C GLY A 316 0.00 5.95 -7.44
N LEU A 317 -0.54 7.17 -7.60
CA LEU A 317 -0.67 8.07 -6.47
C LEU A 317 -1.70 7.61 -5.44
N PRO A 318 -2.92 7.21 -5.82
CA PRO A 318 -3.87 6.78 -4.78
C PRO A 318 -3.40 5.59 -3.97
N ILE A 319 -2.79 4.59 -4.62
CA ILE A 319 -2.32 3.42 -3.90
C ILE A 319 -1.10 3.77 -3.05
N SER A 320 -0.20 4.60 -3.58
CA SER A 320 0.98 5.01 -2.81
C SER A 320 0.57 5.70 -1.51
N ARG A 321 -0.48 6.53 -1.56
CA ARG A 321 -0.94 7.19 -0.34
C ARG A 321 -1.50 6.18 0.66
N LEU A 322 -2.16 5.11 0.17
CA LEU A 322 -2.69 4.10 1.08
C LEU A 322 -1.57 3.36 1.80
N TYR A 323 -0.46 3.07 1.10
CA TYR A 323 0.70 2.48 1.76
C TYR A 323 1.20 3.36 2.90
N ALA A 324 1.28 4.67 2.66
CA ALA A 324 1.69 5.59 3.72
C ALA A 324 0.70 5.59 4.88
N LYS A 325 -0.60 5.67 4.57
CA LYS A 325 -1.62 5.70 5.61
C LYS A 325 -1.73 4.37 6.34
N TYR A 326 -1.23 3.28 5.77
CA TYR A 326 -1.38 1.97 6.37
C TYR A 326 -0.78 1.90 7.77
N PHE A 327 0.33 2.61 8.01
CA PHE A 327 0.95 2.69 9.33
C PHE A 327 0.88 4.10 9.90
N GLN A 328 -0.30 4.73 9.77
CA GLN A 328 -0.60 6.02 10.40
C GLN A 328 0.22 7.17 9.80
N GLY A 329 0.63 7.04 8.53
CA GLY A 329 1.30 8.09 7.83
C GLY A 329 0.41 8.77 6.80
N ASP A 330 1.05 9.52 5.89
CA ASP A 330 0.32 10.19 4.84
C ASP A 330 1.26 10.51 3.69
N LEU A 331 0.66 10.84 2.54
CA LEU A 331 1.40 11.27 1.36
C LEU A 331 0.66 12.46 0.77
N GLN A 332 1.33 13.61 0.70
CA GLN A 332 0.67 14.85 0.30
C GLN A 332 1.44 15.52 -0.83
N LEU A 333 0.69 16.20 -1.69
CA LEU A 333 1.24 16.92 -2.83
C LEU A 333 0.92 18.40 -2.71
N PHE A 334 1.91 19.25 -2.95
N PHE A 334 1.92 19.22 -2.99
CA PHE A 334 1.66 20.68 -3.08
CA PHE A 334 1.80 20.68 -3.04
C PHE A 334 2.56 21.23 -4.17
C PHE A 334 2.61 21.16 -4.22
N SER A 335 1.95 21.67 -5.26
CA SER A 335 2.63 22.11 -6.46
C SER A 335 2.58 23.62 -6.57
N MET A 336 3.36 24.15 -7.52
CA MET A 336 3.33 25.57 -7.85
C MET A 336 3.36 25.67 -9.37
N GLU A 337 2.21 26.00 -9.96
CA GLU A 337 2.10 26.02 -11.41
C GLU A 337 3.08 27.00 -12.01
N GLY A 338 3.86 26.53 -12.98
CA GLY A 338 4.91 27.32 -13.59
C GLY A 338 6.29 27.10 -13.00
N PHE A 339 6.41 26.30 -11.94
CA PHE A 339 7.71 26.04 -11.33
C PHE A 339 7.93 24.55 -11.11
N GLY A 340 7.27 23.98 -10.11
CA GLY A 340 7.48 22.58 -9.81
C GLY A 340 6.49 22.07 -8.79
N THR A 341 6.78 20.88 -8.27
CA THR A 341 5.91 20.20 -7.33
C THR A 341 6.73 19.58 -6.22
N ASP A 342 6.23 19.68 -4.99
CA ASP A 342 6.77 18.98 -3.84
C ASP A 342 5.86 17.82 -3.47
N ALA A 343 6.45 16.66 -3.22
CA ALA A 343 5.74 15.49 -2.73
C ALA A 343 6.36 15.09 -1.40
N VAL A 344 5.53 14.87 -0.39
CA VAL A 344 6.00 14.58 0.95
C VAL A 344 5.38 13.28 1.44
N ILE A 345 6.23 12.35 1.87
CA ILE A 345 5.80 11.13 2.54
C ILE A 345 5.97 11.35 4.04
N TYR A 346 4.87 11.24 4.79
CA TYR A 346 4.91 11.35 6.24
C TYR A 346 4.82 9.95 6.84
N LEU A 347 5.80 9.60 7.65
CA LEU A 347 5.84 8.32 8.33
C LEU A 347 5.99 8.54 9.83
N LYS A 348 5.49 7.59 10.61
CA LYS A 348 5.73 7.62 12.05
C LYS A 348 7.18 7.25 12.34
N ALA A 349 7.84 8.04 13.17
CA ALA A 349 9.25 7.76 13.49
C ALA A 349 9.38 6.56 14.41
N LEU A 350 8.45 6.39 15.35
CA LEU A 350 8.54 5.37 16.37
C LEU A 350 7.72 4.15 15.98
N SER A 351 8.24 2.96 16.29
CA SER A 351 7.56 1.72 15.93
C SER A 351 6.28 1.52 16.72
N THR A 352 6.19 2.09 17.93
CA THR A 352 4.97 1.96 18.71
C THR A 352 3.83 2.78 18.12
N ASP A 353 4.14 3.88 17.44
CA ASP A 353 3.12 4.69 16.80
C ASP A 353 2.72 4.17 15.43
N SER A 354 3.45 3.19 14.89
CA SER A 354 3.16 2.64 13.57
C SER A 354 2.19 1.47 13.74
N VAL A 355 0.91 1.81 13.81
CA VAL A 355 -0.15 0.82 13.99
C VAL A 355 -0.96 0.73 12.71
N GLU A 356 -1.44 -0.48 12.41
CA GLU A 356 -2.27 -0.70 11.24
C GLU A 356 -3.50 0.20 11.27
N ARG A 357 -3.78 0.85 10.14
CA ARG A 357 -5.05 1.54 9.93
C ARG A 357 -5.95 0.62 9.11
N LEU A 358 -7.00 0.11 9.74
CA LEU A 358 -7.86 -0.88 9.11
C LEU A 358 -9.29 -0.37 9.00
N PRO A 359 -9.96 -0.61 7.88
CA PRO A 359 -11.39 -0.29 7.79
C PRO A 359 -12.22 -1.34 8.51
N VAL A 360 -13.22 -0.89 9.26
CA VAL A 360 -14.11 -1.76 10.02
C VAL A 360 -15.53 -1.59 9.51
N TYR A 361 -16.26 -2.68 9.42
CA TYR A 361 -17.64 -2.67 8.96
C TYR A 361 -18.55 -2.22 10.09
N ASN A 362 -19.18 -1.06 9.93
CA ASN A 362 -20.10 -0.51 10.91
C ASN A 362 -21.46 -0.26 10.26
N LYS A 363 -22.43 0.08 11.10
CA LYS A 363 -23.78 0.35 10.64
C LYS A 363 -24.07 1.85 10.64
#